data_6M37
#
_entry.id   6M37
#
_cell.length_a   158.200
_cell.length_b   158.200
_cell.length_c   96.600
_cell.angle_alpha   90.000
_cell.angle_beta   90.000
_cell.angle_gamma   120.000
#
_symmetry.space_group_name_H-M   'P 64 2 2'
#
loop_
_entity.id
_entity.type
_entity.pdbx_description
1 polymer 'Serine-protein kinase RsbW'
2 polymer 'Anti-sigma-B factor antagonist'
#
loop_
_entity_poly.entity_id
_entity_poly.type
_entity_poly.pdbx_seq_one_letter_code
_entity_poly.pdbx_strand_id
1 'polypeptide(L)'
;ADYIEMKVPAQPEYVGIIRLTLSGVASRMGYTYDEIEDLKIAVSEACTNAVQHAYKEDKNGEVSIRFGVFEDRLEVIVAD
EGDSFDFDQKQQDLGPYTPSHTVDQLSEGGLGLYLMETLMDEVRVQNHSGVTVAMTKYLNG
;
A,C
2 'polypeptide(L)'
;NINVDVKQNENDIQVNIAGEIDVYSAPVLREKLVPLAEQGADLRICLKDVSYMDSTGLGVFVGTFKMVKKQGGSLKLENL
SERLIRLFDITGLKDIIDISAKS
;
B,D
#
# COMPACT_ATOMS: atom_id res chain seq x y z
N ALA A 1 9.35 -18.94 8.99
CA ALA A 1 8.24 -18.21 8.39
C ALA A 1 7.89 -16.96 9.20
N ASP A 2 7.36 -15.96 8.51
CA ASP A 2 7.00 -14.70 9.13
C ASP A 2 5.49 -14.51 8.96
N TYR A 3 4.86 -13.95 9.99
CA TYR A 3 3.41 -13.82 10.03
C TYR A 3 3.03 -12.36 10.20
N ILE A 4 2.40 -11.81 9.18
CA ILE A 4 1.78 -10.50 9.27
C ILE A 4 0.31 -10.74 9.56
N GLU A 5 -0.23 -10.02 10.54
CA GLU A 5 -1.61 -10.13 10.94
C GLU A 5 -2.28 -8.77 10.80
N MET A 6 -3.50 -8.79 10.29
CA MET A 6 -4.33 -7.60 10.14
C MET A 6 -5.70 -7.89 10.70
N LYS A 7 -6.35 -6.85 11.21
CA LYS A 7 -7.75 -6.88 11.65
C LYS A 7 -8.40 -5.60 11.21
N VAL A 8 -9.49 -5.70 10.47
CA VAL A 8 -10.26 -4.52 10.08
C VAL A 8 -11.72 -4.78 10.36
N PRO A 9 -12.53 -3.73 10.52
CA PRO A 9 -13.97 -3.94 10.59
C PRO A 9 -14.50 -4.35 9.23
N ALA A 10 -15.60 -5.10 9.24
CA ALA A 10 -16.20 -5.62 8.02
C ALA A 10 -16.96 -4.50 7.31
N GLN A 11 -16.20 -3.51 6.85
CA GLN A 11 -16.76 -2.43 6.06
C GLN A 11 -16.10 -2.44 4.70
N PRO A 12 -16.78 -1.95 3.66
CA PRO A 12 -16.19 -2.02 2.33
C PRO A 12 -15.01 -1.10 2.12
N GLU A 13 -14.91 -0.01 2.89
CA GLU A 13 -13.81 0.94 2.75
C GLU A 13 -12.46 0.24 2.90
N TYR A 14 -12.40 -0.75 3.77
CA TYR A 14 -11.17 -1.38 4.18
C TYR A 14 -10.70 -2.53 3.30
N VAL A 15 -11.53 -3.05 2.40
CA VAL A 15 -11.03 -4.14 1.57
C VAL A 15 -9.85 -3.67 0.75
N GLY A 16 -9.99 -2.55 0.07
CA GLY A 16 -8.88 -1.99 -0.67
C GLY A 16 -7.62 -1.83 0.14
N ILE A 17 -7.76 -1.57 1.45
CA ILE A 17 -6.58 -1.46 2.31
C ILE A 17 -5.87 -2.80 2.38
N ILE A 18 -6.62 -3.90 2.54
CA ILE A 18 -6.02 -5.25 2.58
C ILE A 18 -5.33 -5.58 1.27
N ARG A 19 -5.95 -5.22 0.13
CA ARG A 19 -5.28 -5.45 -1.15
C ARG A 19 -3.91 -4.80 -1.15
N LEU A 20 -3.85 -3.56 -0.66
CA LEU A 20 -2.62 -2.79 -0.65
C LEU A 20 -1.52 -3.51 0.12
N THR A 21 -1.74 -3.74 1.42
CA THR A 21 -0.79 -4.51 2.21
C THR A 21 -0.39 -5.81 1.53
N LEU A 22 -1.34 -6.48 0.90
CA LEU A 22 -1.04 -7.76 0.28
C LEU A 22 -0.12 -7.61 -0.91
N SER A 23 -0.42 -6.67 -1.81
CA SER A 23 0.51 -6.39 -2.89
C SER A 23 1.87 -6.00 -2.35
N GLY A 24 1.90 -5.30 -1.21
CA GLY A 24 3.16 -5.00 -0.57
C GLY A 24 3.95 -6.27 -0.33
N VAL A 25 3.40 -7.19 0.45
CA VAL A 25 4.09 -8.44 0.74
C VAL A 25 4.44 -9.17 -0.55
N ALA A 26 3.44 -9.41 -1.40
CA ALA A 26 3.65 -10.21 -2.61
C ALA A 26 4.76 -9.65 -3.52
N SER A 27 4.98 -8.33 -3.52
CA SER A 27 6.08 -7.75 -4.29
C SER A 27 7.43 -8.10 -3.69
N ARG A 28 7.59 -7.87 -2.37
CA ARG A 28 8.85 -8.19 -1.71
C ARG A 28 9.23 -9.64 -1.94
N MET A 29 8.25 -10.53 -1.96
CA MET A 29 8.55 -11.93 -2.24
C MET A 29 8.84 -12.17 -3.71
N GLY A 30 8.71 -11.15 -4.55
CA GLY A 30 9.00 -11.32 -5.94
C GLY A 30 8.02 -12.20 -6.65
N TYR A 31 6.74 -11.85 -6.60
CA TYR A 31 5.77 -12.49 -7.48
C TYR A 31 5.76 -11.71 -8.78
N THR A 32 5.21 -12.33 -9.82
CA THR A 32 4.99 -11.63 -11.07
C THR A 32 4.12 -10.39 -10.81
N TYR A 33 4.11 -9.47 -11.76
CA TYR A 33 3.04 -8.48 -11.75
C TYR A 33 1.72 -9.20 -11.90
N ASP A 34 1.67 -10.13 -12.84
CA ASP A 34 0.44 -10.85 -13.11
C ASP A 34 0.02 -11.73 -11.92
N GLU A 35 1.00 -12.23 -11.18
CA GLU A 35 0.69 -13.06 -10.02
C GLU A 35 0.20 -12.20 -8.87
N ILE A 36 0.71 -10.97 -8.76
CA ILE A 36 0.22 -10.05 -7.73
C ILE A 36 -1.22 -9.65 -8.00
N GLU A 37 -1.58 -9.49 -9.26
CA GLU A 37 -2.94 -9.06 -9.54
C GLU A 37 -3.94 -10.17 -9.23
N ASP A 38 -3.51 -11.43 -9.28
CA ASP A 38 -4.41 -12.53 -8.93
C ASP A 38 -4.54 -12.67 -7.42
N LEU A 39 -3.44 -12.52 -6.69
CA LEU A 39 -3.55 -12.47 -5.25
C LEU A 39 -4.51 -11.36 -4.81
N LYS A 40 -4.44 -10.18 -5.45
CA LYS A 40 -5.32 -9.07 -5.09
C LYS A 40 -6.80 -9.41 -5.29
N ILE A 41 -7.17 -10.01 -6.42
CA ILE A 41 -8.55 -10.42 -6.64
C ILE A 41 -8.96 -11.50 -5.65
N ALA A 42 -8.12 -12.51 -5.48
CA ALA A 42 -8.53 -13.65 -4.68
C ALA A 42 -8.79 -13.24 -3.24
N VAL A 43 -7.97 -12.34 -2.70
CA VAL A 43 -8.14 -11.94 -1.30
C VAL A 43 -9.29 -10.96 -1.14
N SER A 44 -9.50 -10.05 -2.10
CA SER A 44 -10.72 -9.25 -2.05
C SER A 44 -11.96 -10.13 -2.05
N GLU A 45 -11.94 -11.21 -2.82
CA GLU A 45 -13.12 -12.07 -2.86
C GLU A 45 -13.47 -12.56 -1.46
N ALA A 46 -12.47 -13.05 -0.73
CA ALA A 46 -12.74 -13.54 0.62
C ALA A 46 -13.15 -12.40 1.54
N CYS A 47 -12.49 -11.26 1.45
CA CYS A 47 -12.87 -10.14 2.28
C CYS A 47 -14.27 -9.65 1.91
N THR A 48 -14.58 -9.64 0.61
CA THR A 48 -15.87 -9.17 0.19
C THR A 48 -16.97 -10.08 0.67
N ASN A 49 -16.70 -11.38 0.79
CA ASN A 49 -17.72 -12.31 1.29
C ASN A 49 -18.09 -11.99 2.75
N ALA A 50 -17.08 -11.76 3.59
CA ALA A 50 -17.30 -11.40 5.00
C ALA A 50 -17.98 -10.04 5.11
N VAL A 51 -17.53 -9.05 4.35
CA VAL A 51 -18.19 -7.75 4.38
C VAL A 51 -19.64 -7.88 3.98
N GLN A 52 -19.93 -8.66 2.94
CA GLN A 52 -21.31 -8.94 2.54
C GLN A 52 -22.05 -9.64 3.66
N HIS A 53 -21.40 -10.65 4.24
CA HIS A 53 -21.99 -11.46 5.30
C HIS A 53 -22.30 -10.65 6.55
N ALA A 54 -21.49 -9.64 6.88
CA ALA A 54 -21.77 -8.84 8.07
C ALA A 54 -22.89 -7.84 7.81
N TYR A 55 -23.00 -7.38 6.58
CA TYR A 55 -24.12 -6.54 6.17
C TYR A 55 -25.43 -7.31 6.22
N LYS A 56 -25.44 -8.54 5.66
CA LYS A 56 -26.65 -9.37 5.62
C LYS A 56 -27.13 -9.73 7.03
N GLU A 57 -26.21 -10.11 7.93
CA GLU A 57 -26.56 -10.36 9.32
C GLU A 57 -26.85 -9.06 10.09
N ASP A 58 -26.53 -7.90 9.51
CA ASP A 58 -26.47 -6.64 10.27
C ASP A 58 -25.59 -6.78 11.51
N LYS A 59 -24.61 -7.68 11.42
CA LYS A 59 -23.56 -7.79 12.43
C LYS A 59 -22.70 -6.54 12.37
N ASN A 60 -22.11 -6.19 13.52
CA ASN A 60 -20.86 -5.44 13.57
C ASN A 60 -19.77 -6.48 13.71
N GLY A 61 -19.05 -6.72 12.61
CA GLY A 61 -18.05 -7.75 12.58
C GLY A 61 -16.66 -7.15 12.44
N GLU A 62 -15.68 -8.05 12.45
CA GLU A 62 -14.29 -7.70 12.22
C GLU A 62 -13.71 -8.82 11.38
N VAL A 63 -12.88 -8.45 10.39
CA VAL A 63 -12.14 -9.43 9.59
C VAL A 63 -10.74 -9.52 10.15
N SER A 64 -10.23 -10.75 10.28
CA SER A 64 -8.87 -11.05 10.66
C SER A 64 -8.14 -11.71 9.50
N ILE A 65 -6.98 -11.18 9.14
CA ILE A 65 -6.23 -11.61 7.97
C ILE A 65 -4.81 -11.92 8.37
N ARG A 66 -4.30 -13.06 7.94
CA ARG A 66 -2.95 -13.44 8.26
C ARG A 66 -2.26 -13.77 6.97
N PHE A 67 -1.15 -13.06 6.69
CA PHE A 67 -0.28 -13.36 5.56
C PHE A 67 0.84 -14.21 6.13
N GLY A 68 0.98 -15.42 5.61
CA GLY A 68 2.05 -16.33 5.99
C GLY A 68 3.10 -16.37 4.90
N VAL A 69 4.26 -15.78 5.16
CA VAL A 69 5.30 -15.70 4.14
C VAL A 69 6.27 -16.84 4.38
N PHE A 70 6.36 -17.73 3.39
CA PHE A 70 7.18 -18.93 3.42
C PHE A 70 8.21 -18.84 2.30
N GLU A 71 9.08 -19.83 2.29
CA GLU A 71 10.18 -19.89 1.33
C GLU A 71 9.67 -20.13 -0.09
N ASP A 72 8.62 -20.95 -0.25
CA ASP A 72 8.12 -21.35 -1.56
C ASP A 72 6.72 -20.85 -1.90
N ARG A 73 6.01 -20.20 -0.98
CA ARG A 73 4.62 -19.87 -1.26
C ARG A 73 4.14 -18.80 -0.29
N LEU A 74 2.98 -18.22 -0.63
CA LEU A 74 2.22 -17.32 0.24
C LEU A 74 0.93 -17.99 0.71
N GLU A 75 0.66 -17.92 2.00
CA GLU A 75 -0.61 -18.36 2.59
C GLU A 75 -1.35 -17.13 3.11
N VAL A 76 -2.58 -16.93 2.66
CA VAL A 76 -3.44 -15.85 3.12
C VAL A 76 -4.64 -16.47 3.82
N ILE A 77 -4.89 -16.09 5.07
CA ILE A 77 -6.04 -16.59 5.82
C ILE A 77 -6.96 -15.42 6.09
N VAL A 78 -8.22 -15.56 5.70
CA VAL A 78 -9.26 -14.57 5.98
C VAL A 78 -10.35 -15.26 6.78
N ALA A 79 -10.61 -14.75 8.00
CA ALA A 79 -11.59 -15.29 8.95
C ALA A 79 -12.48 -14.19 9.50
N ASP A 80 -13.67 -14.56 10.00
CA ASP A 80 -14.52 -13.55 10.70
C ASP A 80 -15.28 -14.15 11.88
N GLU A 108 -23.10 -19.51 -0.18
CA GLU A 108 -23.56 -18.17 -0.53
C GLU A 108 -22.45 -17.18 -0.98
N GLY A 109 -21.19 -17.47 -0.64
CA GLY A 109 -20.10 -16.93 -1.44
C GLY A 109 -20.21 -17.49 -2.85
N GLY A 110 -20.11 -16.62 -3.84
CA GLY A 110 -20.59 -17.09 -5.14
C GLY A 110 -19.58 -17.10 -6.26
N LEU A 111 -19.74 -16.15 -7.19
CA LEU A 111 -18.73 -15.98 -8.23
C LEU A 111 -17.38 -15.72 -7.61
N GLY A 112 -17.36 -15.11 -6.43
CA GLY A 112 -16.11 -14.87 -5.72
C GLY A 112 -15.43 -16.16 -5.30
N LEU A 113 -16.18 -17.11 -4.73
CA LEU A 113 -15.55 -18.37 -4.36
C LEU A 113 -15.07 -19.15 -5.58
N TYR A 114 -15.75 -19.00 -6.71
CA TYR A 114 -15.25 -19.59 -7.94
C TYR A 114 -13.90 -18.98 -8.29
N LEU A 115 -13.83 -17.65 -8.27
CA LEU A 115 -12.61 -16.95 -8.62
C LEU A 115 -11.45 -17.36 -7.73
N MET A 116 -11.67 -17.48 -6.43
CA MET A 116 -10.58 -17.84 -5.53
C MET A 116 -10.03 -19.21 -5.89
N GLU A 117 -10.93 -20.11 -6.29
CA GLU A 117 -10.52 -21.48 -6.53
C GLU A 117 -9.74 -21.60 -7.85
N THR A 118 -10.20 -20.92 -8.93
CA THR A 118 -9.42 -20.99 -10.18
C THR A 118 -8.09 -20.24 -10.07
N LEU A 119 -8.06 -19.08 -9.41
CA LEU A 119 -6.85 -18.24 -9.41
C LEU A 119 -5.82 -18.67 -8.38
N MET A 120 -6.15 -19.48 -7.39
CA MET A 120 -5.17 -19.85 -6.40
C MET A 120 -4.84 -21.33 -6.49
N ASP A 121 -3.72 -21.70 -5.88
CA ASP A 121 -3.28 -23.08 -5.98
C ASP A 121 -4.05 -23.98 -5.02
N GLU A 122 -4.33 -23.48 -3.83
CA GLU A 122 -5.08 -24.19 -2.82
C GLU A 122 -6.11 -23.23 -2.23
N VAL A 123 -7.33 -23.72 -1.98
CA VAL A 123 -8.33 -22.99 -1.20
C VAL A 123 -8.97 -23.95 -0.20
N ARG A 124 -9.10 -23.51 1.05
CA ARG A 124 -9.76 -24.30 2.10
C ARG A 124 -10.75 -23.40 2.84
N VAL A 125 -12.03 -23.80 2.81
CA VAL A 125 -13.13 -23.07 3.43
C VAL A 125 -13.65 -23.90 4.60
N GLN A 126 -13.99 -23.22 5.69
CA GLN A 126 -14.50 -23.93 6.86
C GLN A 126 -15.43 -23.02 7.63
N ASN A 127 -16.52 -23.59 8.10
CA ASN A 127 -17.44 -22.96 9.03
C ASN A 127 -17.26 -23.78 10.31
N HIS A 128 -17.79 -23.34 11.44
CA HIS A 128 -18.57 -22.17 11.67
C HIS A 128 -17.77 -21.27 12.62
N SER A 129 -16.89 -20.48 12.01
CA SER A 129 -16.81 -19.07 12.31
C SER A 129 -17.71 -18.50 11.24
N GLY A 130 -17.66 -17.19 10.98
CA GLY A 130 -18.60 -16.67 9.99
C GLY A 130 -18.35 -17.61 8.84
N VAL A 131 -17.17 -17.43 8.25
CA VAL A 131 -16.44 -18.45 7.52
C VAL A 131 -14.97 -18.12 7.74
N THR A 132 -14.11 -19.12 7.68
CA THR A 132 -12.68 -18.86 7.69
C THR A 132 -12.03 -19.52 6.47
N VAL A 133 -11.45 -18.69 5.60
CA VAL A 133 -10.90 -19.14 4.31
C VAL A 133 -9.38 -19.08 4.31
N ALA A 134 -8.75 -20.14 3.81
CA ALA A 134 -7.30 -20.25 3.73
C ALA A 134 -6.87 -20.53 2.30
N MET A 135 -6.08 -19.63 1.71
CA MET A 135 -5.61 -19.74 0.34
C MET A 135 -4.09 -19.74 0.30
N THR A 136 -3.52 -20.47 -0.65
CA THR A 136 -2.07 -20.36 -0.84
C THR A 136 -1.79 -20.25 -2.34
N LYS A 137 -0.75 -19.48 -2.68
CA LYS A 137 -0.19 -19.40 -4.03
C LYS A 137 1.33 -19.59 -3.95
N TYR A 138 1.86 -20.39 -4.87
CA TYR A 138 3.24 -20.82 -4.84
C TYR A 138 4.12 -19.88 -5.67
N LEU A 139 5.31 -19.60 -5.14
CA LEU A 139 6.31 -18.82 -5.85
C LEU A 139 6.86 -19.62 -7.02
N ASN A 140 7.10 -18.93 -8.14
CA ASN A 140 7.61 -19.61 -9.34
C ASN A 140 9.10 -19.38 -9.55
N ASN B 1 -10.02 5.04 -4.97
CA ASN B 1 -11.43 5.38 -5.20
C ASN B 1 -11.83 5.17 -6.69
N ILE B 2 -12.95 5.76 -7.12
CA ILE B 2 -13.46 5.58 -8.47
C ILE B 2 -14.07 6.90 -8.95
N ASN B 3 -13.94 7.15 -10.26
CA ASN B 3 -14.59 8.30 -10.88
C ASN B 3 -15.45 7.76 -12.02
N VAL B 4 -16.61 8.37 -12.22
CA VAL B 4 -17.55 7.96 -13.26
C VAL B 4 -18.01 9.20 -14.00
N ASP B 5 -17.83 9.20 -15.33
CA ASP B 5 -18.14 10.32 -16.19
C ASP B 5 -19.17 9.89 -17.21
N VAL B 6 -20.42 10.29 -17.01
CA VAL B 6 -21.48 10.01 -17.97
C VAL B 6 -21.61 11.20 -18.89
N LYS B 7 -21.62 10.93 -20.20
CA LYS B 7 -21.84 11.95 -21.22
C LYS B 7 -22.93 11.40 -22.13
N GLN B 8 -24.16 11.85 -21.89
CA GLN B 8 -25.31 11.44 -22.68
C GLN B 8 -25.44 12.38 -23.87
N ASN B 9 -25.49 11.80 -25.07
CA ASN B 9 -25.62 12.57 -26.30
C ASN B 9 -26.40 11.73 -27.31
N GLU B 10 -27.54 12.26 -27.75
CA GLU B 10 -28.37 11.68 -28.82
C GLU B 10 -28.97 10.32 -28.44
N ASN B 11 -29.37 10.18 -27.16
CA ASN B 11 -30.02 8.98 -26.61
C ASN B 11 -29.14 7.72 -26.64
N ASP B 12 -27.83 7.86 -26.89
CA ASP B 12 -26.85 6.80 -26.71
C ASP B 12 -25.65 7.40 -25.99
N ILE B 13 -25.20 6.74 -24.91
CA ILE B 13 -24.45 7.38 -23.83
C ILE B 13 -23.07 6.73 -23.63
N GLN B 14 -22.03 7.57 -23.61
CA GLN B 14 -20.65 7.16 -23.31
C GLN B 14 -20.32 7.39 -21.84
N VAL B 15 -19.90 6.33 -21.15
CA VAL B 15 -19.46 6.36 -19.76
C VAL B 15 -17.98 6.03 -19.72
N ASN B 16 -17.20 6.84 -19.01
CA ASN B 16 -15.82 6.49 -18.69
C ASN B 16 -15.69 6.21 -17.21
N ILE B 17 -15.06 5.09 -16.87
CA ILE B 17 -14.83 4.70 -15.50
C ILE B 17 -13.32 4.72 -15.26
N ALA B 18 -12.90 5.24 -14.12
CA ALA B 18 -11.48 5.25 -13.80
C ALA B 18 -11.28 4.84 -12.35
N GLY B 19 -10.27 4.03 -12.11
CA GLY B 19 -9.96 3.64 -10.74
C GLY B 19 -10.31 2.21 -10.40
N GLU B 20 -10.78 2.00 -9.18
CA GLU B 20 -11.03 0.68 -8.63
C GLU B 20 -12.52 0.40 -8.51
N ILE B 21 -12.96 -0.71 -9.09
CA ILE B 21 -14.33 -1.21 -8.90
C ILE B 21 -14.26 -2.38 -7.91
N ASP B 22 -14.41 -2.10 -6.62
CA ASP B 22 -14.42 -3.13 -5.58
C ASP B 22 -15.71 -3.03 -4.80
N VAL B 23 -15.85 -3.89 -3.79
CA VAL B 23 -17.11 -3.97 -3.04
C VAL B 23 -17.55 -2.60 -2.58
N TYR B 24 -16.59 -1.69 -2.39
CA TYR B 24 -16.88 -0.38 -1.85
C TYR B 24 -17.42 0.57 -2.92
N SER B 25 -16.89 0.51 -4.14
CA SER B 25 -17.22 1.51 -5.15
C SER B 25 -18.18 1.01 -6.21
N ALA B 26 -18.63 -0.22 -6.12
CA ALA B 26 -19.57 -0.74 -7.12
C ALA B 26 -20.98 -0.17 -6.91
N PRO B 27 -21.52 -0.08 -5.69
CA PRO B 27 -22.83 0.57 -5.53
C PRO B 27 -22.87 1.99 -6.08
N VAL B 28 -21.76 2.71 -6.00
CA VAL B 28 -21.62 4.02 -6.64
C VAL B 28 -21.85 3.88 -8.13
N LEU B 29 -21.24 2.87 -8.73
CA LEU B 29 -21.36 2.63 -10.16
C LEU B 29 -22.77 2.20 -10.52
N ARG B 30 -23.26 1.12 -9.89
CA ARG B 30 -24.60 0.62 -10.13
C ARG B 30 -25.62 1.74 -10.04
N GLU B 31 -25.48 2.60 -9.04
CA GLU B 31 -26.39 3.74 -8.88
C GLU B 31 -26.28 4.69 -10.08
N LYS B 32 -25.06 4.99 -10.53
CA LYS B 32 -24.92 5.90 -11.67
C LYS B 32 -25.47 5.32 -12.98
N LEU B 33 -25.50 4.00 -13.16
CA LEU B 33 -25.88 3.54 -14.49
C LEU B 33 -27.05 2.58 -14.54
N VAL B 34 -27.72 2.29 -13.42
CA VAL B 34 -28.97 1.55 -13.47
C VAL B 34 -30.07 2.35 -14.15
N PRO B 35 -30.20 3.67 -13.93
CA PRO B 35 -31.31 4.38 -14.60
C PRO B 35 -31.13 4.40 -16.11
N LEU B 36 -29.87 4.49 -16.56
CA LEU B 36 -29.54 4.53 -17.99
C LEU B 36 -29.90 3.21 -18.70
N ALA B 37 -29.89 2.09 -17.99
CA ALA B 37 -30.28 0.82 -18.57
C ALA B 37 -31.77 0.54 -18.42
N GLU B 38 -32.47 1.34 -17.62
CA GLU B 38 -33.93 1.34 -17.58
C GLU B 38 -34.51 2.15 -18.73
N GLN B 39 -33.71 3.08 -19.27
CA GLN B 39 -34.06 3.81 -20.47
C GLN B 39 -34.11 2.90 -21.68
N GLY B 40 -33.38 1.79 -21.66
CA GLY B 40 -33.25 0.96 -22.83
C GLY B 40 -32.28 1.50 -23.86
N ALA B 41 -31.47 2.50 -23.49
CA ALA B 41 -30.56 3.10 -24.45
C ALA B 41 -29.42 2.14 -24.80
N ASP B 42 -28.67 2.51 -25.85
CA ASP B 42 -27.48 1.77 -26.28
C ASP B 42 -26.24 2.47 -25.73
N LEU B 43 -25.61 1.87 -24.72
CA LEU B 43 -24.57 2.54 -23.95
C LEU B 43 -23.21 1.87 -24.17
N ARG B 44 -22.19 2.70 -24.18
CA ARG B 44 -20.80 2.33 -24.41
C ARG B 44 -20.01 2.79 -23.20
N ILE B 45 -19.31 1.85 -22.56
CA ILE B 45 -18.63 2.09 -21.30
C ILE B 45 -17.14 1.89 -21.51
N CYS B 46 -16.34 2.91 -21.17
CA CYS B 46 -14.91 2.87 -21.44
C CYS B 46 -14.15 2.46 -20.19
N LEU B 47 -13.51 1.29 -20.24
CA LEU B 47 -12.79 0.70 -19.13
C LEU B 47 -11.28 0.84 -19.26
N LYS B 48 -10.80 1.82 -20.05
CA LYS B 48 -9.36 2.01 -20.24
C LYS B 48 -8.63 2.23 -18.91
N ASP B 49 -9.21 3.00 -18.00
CA ASP B 49 -8.49 3.45 -16.82
C ASP B 49 -8.96 2.71 -15.58
N VAL B 50 -9.65 1.59 -15.75
CA VAL B 50 -9.95 0.75 -14.61
C VAL B 50 -8.67 0.05 -14.20
N SER B 51 -8.27 0.26 -12.97
CA SER B 51 -7.06 -0.30 -12.42
C SER B 51 -7.32 -1.59 -11.67
N TYR B 52 -8.59 -1.86 -11.34
CA TYR B 52 -8.93 -3.03 -10.57
C TYR B 52 -10.40 -3.31 -10.78
N MET B 53 -10.74 -4.61 -10.79
CA MET B 53 -12.13 -5.06 -10.84
C MET B 53 -12.25 -6.44 -10.19
N ASP B 54 -13.43 -6.69 -9.63
CA ASP B 54 -13.80 -7.86 -8.84
C ASP B 54 -14.96 -8.60 -9.47
N SER B 55 -15.39 -9.66 -8.79
CA SER B 55 -16.69 -10.23 -9.04
C SER B 55 -17.81 -9.25 -8.72
N THR B 56 -17.54 -8.22 -7.91
CA THR B 56 -18.54 -7.19 -7.64
C THR B 56 -18.74 -6.29 -8.85
N GLY B 57 -17.67 -5.89 -9.51
CA GLY B 57 -17.81 -5.13 -10.75
C GLY B 57 -18.38 -5.97 -11.87
N LEU B 58 -17.94 -7.24 -11.98
CA LEU B 58 -18.59 -8.10 -12.95
C LEU B 58 -20.08 -8.14 -12.70
N GLY B 59 -20.47 -8.22 -11.43
CA GLY B 59 -21.87 -8.35 -11.09
C GLY B 59 -22.70 -7.19 -11.60
N VAL B 60 -22.14 -5.97 -11.56
CA VAL B 60 -22.93 -4.84 -12.04
C VAL B 60 -23.05 -4.89 -13.55
N PHE B 61 -21.97 -5.28 -14.23
CA PHE B 61 -22.01 -5.36 -15.69
C PHE B 61 -22.94 -6.48 -16.17
N VAL B 62 -22.89 -7.67 -15.57
CA VAL B 62 -23.86 -8.69 -15.90
C VAL B 62 -25.25 -8.27 -15.49
N GLY B 63 -25.37 -7.37 -14.51
CA GLY B 63 -26.65 -6.85 -14.10
C GLY B 63 -27.15 -5.83 -15.08
N THR B 64 -26.26 -4.98 -15.56
CA THR B 64 -26.62 -3.97 -16.55
C THR B 64 -27.08 -4.62 -17.84
N PHE B 65 -26.34 -5.65 -18.28
CA PHE B 65 -26.65 -6.36 -19.50
C PHE B 65 -28.04 -6.97 -19.44
N LYS B 66 -28.40 -7.58 -18.31
CA LYS B 66 -29.73 -8.18 -18.20
C LYS B 66 -30.84 -7.13 -18.43
N MET B 67 -30.64 -5.90 -17.96
CA MET B 67 -31.67 -4.88 -18.12
C MET B 67 -31.64 -4.25 -19.51
N VAL B 68 -30.45 -3.84 -19.98
CA VAL B 68 -30.32 -3.25 -21.30
C VAL B 68 -30.96 -4.12 -22.38
N LYS B 69 -30.80 -5.43 -22.28
CA LYS B 69 -31.46 -6.28 -23.25
C LYS B 69 -32.94 -6.49 -22.92
N LYS B 70 -33.32 -6.39 -21.64
CA LYS B 70 -34.71 -6.60 -21.25
C LYS B 70 -35.58 -5.40 -21.61
N GLN B 71 -34.97 -4.32 -22.08
CA GLN B 71 -35.70 -3.11 -22.40
C GLN B 71 -35.21 -2.51 -23.71
N GLY B 72 -34.76 -3.36 -24.64
CA GLY B 72 -34.46 -2.94 -25.99
C GLY B 72 -33.29 -1.98 -26.12
N GLY B 73 -32.09 -2.42 -25.75
CA GLY B 73 -30.91 -1.59 -25.86
C GLY B 73 -29.69 -2.44 -26.10
N SER B 74 -28.52 -1.79 -26.21
CA SER B 74 -27.26 -2.47 -26.38
C SER B 74 -26.25 -2.02 -25.33
N LEU B 75 -25.26 -2.87 -25.06
CA LEU B 75 -24.21 -2.61 -24.08
C LEU B 75 -22.91 -3.10 -24.68
N LYS B 76 -21.94 -2.23 -24.78
CA LYS B 76 -20.64 -2.63 -25.25
C LYS B 76 -19.59 -2.11 -24.27
N LEU B 77 -18.61 -2.95 -23.97
CA LEU B 77 -17.53 -2.64 -23.03
C LEU B 77 -16.22 -2.55 -23.78
N GLU B 78 -15.57 -1.40 -23.67
CA GLU B 78 -14.37 -0.99 -24.38
C GLU B 78 -13.51 -0.22 -23.41
N ASN B 79 -12.21 -0.07 -23.67
CA ASN B 79 -11.35 -1.00 -24.33
C ASN B 79 -10.47 -1.49 -23.17
N LEU B 80 -10.64 -2.78 -22.89
CA LEU B 80 -10.21 -3.43 -21.67
C LEU B 80 -8.79 -3.95 -21.80
N SER B 81 -8.02 -3.85 -20.73
CA SER B 81 -6.76 -4.58 -20.65
C SER B 81 -6.98 -6.08 -20.84
N GLU B 82 -5.92 -6.80 -21.19
CA GLU B 82 -5.98 -8.26 -21.18
C GLU B 82 -6.32 -8.79 -19.79
N ARG B 83 -5.96 -8.07 -18.73
CA ARG B 83 -6.31 -8.58 -17.42
C ARG B 83 -7.80 -8.46 -17.20
N LEU B 84 -8.40 -7.37 -17.67
CA LEU B 84 -9.85 -7.22 -17.60
C LEU B 84 -10.56 -8.23 -18.49
N ILE B 85 -10.03 -8.47 -19.69
CA ILE B 85 -10.61 -9.50 -20.54
C ILE B 85 -10.38 -10.89 -19.94
N ARG B 86 -9.22 -11.11 -19.29
CA ARG B 86 -8.99 -12.38 -18.63
C ARG B 86 -10.13 -12.71 -17.68
N LEU B 87 -10.51 -11.70 -16.89
CA LEU B 87 -11.48 -11.87 -15.83
C LEU B 87 -12.87 -12.15 -16.41
N PHE B 88 -13.25 -11.43 -17.49
CA PHE B 88 -14.49 -11.76 -18.19
C PHE B 88 -14.43 -13.12 -18.86
N ASP B 89 -13.24 -13.52 -19.36
CA ASP B 89 -13.06 -14.84 -19.94
C ASP B 89 -13.20 -15.95 -18.89
N ILE B 90 -12.40 -15.89 -17.82
CA ILE B 90 -12.40 -16.89 -16.75
C ILE B 90 -13.82 -17.19 -16.22
N THR B 91 -14.73 -16.21 -16.34
CA THR B 91 -16.06 -16.31 -15.74
C THR B 91 -17.16 -16.60 -16.75
N GLY B 92 -16.81 -16.91 -17.99
CA GLY B 92 -17.78 -17.34 -18.97
C GLY B 92 -18.58 -16.23 -19.56
N LEU B 93 -18.04 -15.01 -19.55
CA LEU B 93 -18.72 -13.82 -20.02
C LEU B 93 -18.06 -13.19 -21.25
N LYS B 94 -17.04 -13.83 -21.84
CA LYS B 94 -16.31 -13.16 -22.91
C LYS B 94 -17.13 -13.10 -24.19
N ASP B 95 -17.84 -14.17 -24.53
CA ASP B 95 -18.69 -14.14 -25.72
C ASP B 95 -20.14 -13.83 -25.43
N ILE B 96 -20.46 -13.39 -24.21
CA ILE B 96 -21.83 -13.03 -23.85
C ILE B 96 -21.97 -11.54 -23.54
N ILE B 97 -20.89 -10.81 -23.42
CA ILE B 97 -20.93 -9.36 -23.31
C ILE B 97 -19.90 -8.79 -24.28
N ASP B 98 -20.30 -7.73 -24.98
CA ASP B 98 -19.42 -7.22 -26.01
C ASP B 98 -18.20 -6.59 -25.36
N ILE B 99 -17.05 -7.16 -25.69
CA ILE B 99 -15.77 -6.79 -25.10
C ILE B 99 -14.84 -6.39 -26.26
N SER B 100 -14.02 -5.38 -26.03
CA SER B 100 -12.97 -5.01 -26.98
C SER B 100 -11.79 -4.47 -26.19
N ALA B 101 -10.64 -4.40 -26.83
CA ALA B 101 -9.44 -3.92 -26.14
C ALA B 101 -8.77 -2.77 -26.85
N ASP C 2 -13.24 3.73 14.11
CA ASP C 2 -12.77 2.45 13.55
C ASP C 2 -11.31 2.15 13.89
N TYR C 3 -11.00 0.90 14.18
CA TYR C 3 -9.67 0.50 14.63
C TYR C 3 -9.12 -0.61 13.73
N ILE C 4 -8.05 -0.29 13.00
CA ILE C 4 -7.27 -1.27 12.24
C ILE C 4 -6.06 -1.68 13.07
N GLU C 5 -5.78 -2.96 13.12
CA GLU C 5 -4.63 -3.45 13.86
C GLU C 5 -3.70 -4.26 12.96
N MET C 6 -2.41 -4.09 13.18
CA MET C 6 -1.39 -4.84 12.47
C MET C 6 -0.44 -5.42 13.49
N LYS C 7 0.17 -6.54 13.13
CA LYS C 7 1.22 -7.18 13.90
C LYS C 7 2.21 -7.69 12.88
N VAL C 8 3.47 -7.27 12.98
CA VAL C 8 4.48 -7.72 12.03
C VAL C 8 5.69 -8.20 12.83
N PRO C 9 6.56 -8.99 12.21
CA PRO C 9 7.84 -9.29 12.87
C PRO C 9 8.69 -8.04 12.93
N ALA C 10 9.46 -7.91 14.01
CA ALA C 10 10.29 -6.71 14.21
C ALA C 10 11.60 -6.82 13.41
N GLN C 11 11.44 -6.89 12.09
CA GLN C 11 12.48 -6.93 11.08
C GLN C 11 12.32 -5.77 10.09
N PRO C 12 13.40 -5.29 9.48
CA PRO C 12 13.30 -4.05 8.70
C PRO C 12 12.51 -4.15 7.39
N GLU C 13 12.33 -5.37 6.84
CA GLU C 13 11.55 -5.56 5.62
C GLU C 13 10.15 -4.99 5.78
N TYR C 14 9.56 -5.15 6.98
CA TYR C 14 8.15 -4.89 7.27
C TYR C 14 7.80 -3.44 7.56
N VAL C 15 8.76 -2.56 7.84
CA VAL C 15 8.40 -1.16 8.04
C VAL C 15 7.80 -0.60 6.75
N GLY C 16 8.44 -0.86 5.63
CA GLY C 16 7.85 -0.44 4.36
C GLY C 16 6.44 -0.95 4.19
N ILE C 17 6.12 -2.12 4.76
CA ILE C 17 4.77 -2.62 4.62
C ILE C 17 3.79 -1.73 5.37
N ILE C 18 4.15 -1.29 6.57
CA ILE C 18 3.27 -0.45 7.37
C ILE C 18 2.99 0.87 6.67
N ARG C 19 4.01 1.45 6.02
CA ARG C 19 3.82 2.69 5.29
C ARG C 19 2.72 2.56 4.24
N LEU C 20 2.68 1.42 3.55
CA LEU C 20 1.58 1.17 2.61
C LEU C 20 0.25 1.16 3.33
N THR C 21 0.08 0.24 4.27
CA THR C 21 -1.16 0.18 5.05
C THR C 21 -1.54 1.56 5.55
N LEU C 22 -0.54 2.33 5.97
CA LEU C 22 -0.82 3.65 6.52
C LEU C 22 -1.33 4.57 5.45
N SER C 23 -0.60 4.69 4.35
CA SER C 23 -1.07 5.52 3.24
C SER C 23 -2.45 5.06 2.78
N GLY C 24 -2.74 3.76 2.89
CA GLY C 24 -4.08 3.27 2.62
C GLY C 24 -5.08 4.00 3.49
N VAL C 25 -4.94 3.89 4.82
CA VAL C 25 -5.87 4.54 5.75
C VAL C 25 -5.87 6.04 5.54
N ALA C 26 -4.70 6.66 5.54
CA ALA C 26 -4.63 8.11 5.40
C ALA C 26 -5.32 8.62 4.15
N SER C 27 -5.32 7.84 3.05
CA SER C 27 -6.02 8.27 1.84
C SER C 27 -7.52 8.20 2.02
N ARG C 28 -8.01 7.05 2.48
CA ARG C 28 -9.44 6.85 2.71
C ARG C 28 -10.01 7.95 3.58
N MET C 29 -9.20 8.48 4.51
CA MET C 29 -9.57 9.62 5.34
C MET C 29 -9.39 10.94 4.61
N GLY C 30 -8.83 10.92 3.41
CA GLY C 30 -8.59 12.13 2.65
C GLY C 30 -7.56 13.10 3.22
N TYR C 31 -6.35 12.66 3.53
CA TYR C 31 -5.31 13.61 3.86
C TYR C 31 -4.65 14.08 2.56
N THR C 32 -3.91 15.19 2.65
CA THR C 32 -3.10 15.70 1.56
C THR C 32 -2.03 14.68 1.12
N TYR C 33 -1.35 14.95 -0.01
CA TYR C 33 -0.10 14.24 -0.31
C TYR C 33 0.97 14.55 0.74
N ASP C 34 1.20 15.83 1.04
CA ASP C 34 2.20 16.16 2.04
C ASP C 34 1.82 15.59 3.40
N GLU C 35 0.52 15.56 3.70
CA GLU C 35 0.08 15.08 5.01
C GLU C 35 0.28 13.58 5.11
N ILE C 36 0.05 12.87 4.01
CA ILE C 36 0.34 11.43 3.97
C ILE C 36 1.85 11.20 3.94
N GLU C 37 2.59 12.06 3.26
CA GLU C 37 4.02 11.81 3.18
C GLU C 37 4.69 12.03 4.53
N ASP C 38 4.10 12.89 5.38
CA ASP C 38 4.62 13.11 6.73
C ASP C 38 4.23 11.96 7.64
N LEU C 39 2.96 11.56 7.58
CA LEU C 39 2.48 10.42 8.34
C LEU C 39 3.34 9.18 8.08
N LYS C 40 3.75 8.97 6.83
CA LYS C 40 4.60 7.83 6.51
C LYS C 40 5.94 7.92 7.24
N ILE C 41 6.55 9.10 7.27
CA ILE C 41 7.82 9.29 7.98
C ILE C 41 7.65 9.00 9.47
N ALA C 42 6.63 9.62 10.08
CA ALA C 42 6.46 9.51 11.53
C ALA C 42 6.23 8.07 11.96
N VAL C 43 5.46 7.31 11.18
CA VAL C 43 5.14 5.95 11.58
C VAL C 43 6.33 5.03 11.36
N SER C 44 7.10 5.24 10.28
CA SER C 44 8.33 4.47 10.10
C SER C 44 9.29 4.70 11.24
N GLU C 45 9.40 5.95 11.69
CA GLU C 45 10.31 6.29 12.77
C GLU C 45 9.97 5.50 14.02
N ALA C 46 8.69 5.45 14.39
CA ALA C 46 8.29 4.70 15.57
C ALA C 46 8.57 3.22 15.38
N CYS C 47 8.35 2.70 14.18
CA CYS C 47 8.63 1.30 13.89
C CYS C 47 10.13 1.01 13.88
N THR C 48 10.95 1.96 13.42
CA THR C 48 12.39 1.75 13.36
C THR C 48 13.02 1.63 14.74
N ASN C 49 12.50 2.34 15.73
CA ASN C 49 13.02 2.21 17.08
C ASN C 49 12.77 0.80 17.58
N ALA C 50 11.57 0.27 17.30
CA ALA C 50 11.25 -1.09 17.70
C ALA C 50 12.13 -2.10 17.00
N VAL C 51 12.34 -1.93 15.68
CA VAL C 51 13.19 -2.87 14.94
C VAL C 51 14.63 -2.81 15.47
N GLN C 52 15.14 -1.59 15.69
CA GLN C 52 16.49 -1.41 16.23
C GLN C 52 16.60 -2.01 17.62
N HIS C 53 15.63 -1.73 18.48
CA HIS C 53 15.68 -2.24 19.83
C HIS C 53 15.70 -3.77 19.87
N ALA C 54 15.22 -4.44 18.82
CA ALA C 54 15.31 -5.88 18.75
C ALA C 54 16.72 -6.36 18.41
N TYR C 55 17.52 -5.58 17.65
CA TYR C 55 18.91 -5.96 17.42
C TYR C 55 19.69 -6.01 18.72
N LYS C 56 19.58 -4.96 19.55
CA LYS C 56 20.38 -4.88 20.77
C LYS C 56 20.07 -6.03 21.71
N GLU C 57 18.77 -6.32 21.92
CA GLU C 57 18.37 -7.47 22.72
C GLU C 57 18.63 -8.78 22.01
N ASP C 58 18.96 -8.75 20.73
CA ASP C 58 18.98 -9.92 19.85
C ASP C 58 17.69 -10.75 19.96
N LYS C 59 16.59 -10.13 20.39
CA LYS C 59 15.31 -10.80 20.34
C LYS C 59 14.85 -10.94 18.90
N ASN C 60 13.99 -11.95 18.69
CA ASN C 60 13.01 -11.90 17.61
C ASN C 60 11.74 -11.34 18.24
N GLY C 61 11.43 -10.09 17.92
CA GLY C 61 10.31 -9.38 18.48
C GLY C 61 9.22 -9.20 17.45
N GLU C 62 8.17 -8.51 17.87
CA GLU C 62 7.09 -8.13 16.96
C GLU C 62 6.59 -6.75 17.28
N VAL C 63 6.26 -6.02 16.24
CA VAL C 63 5.70 -4.69 16.39
C VAL C 63 4.18 -4.80 16.26
N SER C 64 3.48 -4.10 17.14
CA SER C 64 2.03 -3.94 17.10
C SER C 64 1.70 -2.52 16.69
N ILE C 65 0.87 -2.35 15.68
CA ILE C 65 0.52 -1.04 15.14
C ILE C 65 -0.99 -0.93 15.10
N ARG C 66 -1.53 0.16 15.63
CA ARG C 66 -2.98 0.36 15.66
C ARG C 66 -3.30 1.72 15.10
N PHE C 67 -4.10 1.76 14.06
CA PHE C 67 -4.58 3.03 13.51
C PHE C 67 -5.96 3.25 14.07
N GLY C 68 -6.14 4.35 14.78
CA GLY C 68 -7.45 4.72 15.27
C GLY C 68 -7.99 5.81 14.38
N VAL C 69 -8.92 5.47 13.51
CA VAL C 69 -9.44 6.43 12.55
C VAL C 69 -10.75 7.01 13.08
N PHE C 70 -10.72 8.32 13.32
CA PHE C 70 -11.75 9.11 13.95
C PHE C 70 -12.22 10.15 12.95
N GLU C 71 -13.25 10.89 13.34
CA GLU C 71 -13.82 11.88 12.43
C GLU C 71 -12.87 13.03 12.19
N ASP C 72 -12.04 13.40 13.17
CA ASP C 72 -11.21 14.58 13.07
C ASP C 72 -9.72 14.29 12.97
N ARG C 73 -9.30 13.04 13.13
CA ARG C 73 -7.88 12.78 13.28
C ARG C 73 -7.60 11.29 13.06
N LEU C 74 -6.31 11.00 12.85
CA LEU C 74 -5.79 9.64 12.82
C LEU C 74 -4.95 9.48 14.08
N GLU C 75 -5.14 8.38 14.79
CA GLU C 75 -4.29 8.02 15.93
C GLU C 75 -3.51 6.76 15.58
N VAL C 76 -2.19 6.83 15.70
CA VAL C 76 -1.34 5.68 15.45
C VAL C 76 -0.61 5.29 16.72
N ILE C 77 -0.73 4.02 17.09
CA ILE C 77 -0.05 3.47 18.25
C ILE C 77 0.89 2.37 17.77
N VAL C 78 2.17 2.48 18.12
CA VAL C 78 3.16 1.46 17.80
C VAL C 78 3.70 0.97 19.12
N ALA C 79 3.56 -0.31 19.38
CA ALA C 79 4.04 -0.91 20.61
C ALA C 79 4.90 -2.08 20.23
N ASP C 80 5.73 -2.46 21.15
CA ASP C 80 6.79 -3.39 20.86
C ASP C 80 6.79 -4.36 22.05
N GLU C 81 5.80 -5.24 22.06
CA GLU C 81 5.63 -6.20 23.15
C GLU C 81 6.80 -7.18 23.16
N LEU C 106 14.00 1.00 25.40
CA LEU C 106 13.26 2.18 25.87
C LEU C 106 13.57 3.46 25.03
N SER C 107 13.35 4.64 25.63
CA SER C 107 13.53 5.90 24.93
C SER C 107 14.82 6.59 25.40
N GLU C 108 15.76 6.79 24.47
CA GLU C 108 16.84 7.78 24.56
C GLU C 108 16.71 8.66 23.32
N GLY C 109 16.13 9.86 23.49
CA GLY C 109 15.71 10.67 22.37
C GLY C 109 16.69 10.81 21.21
N GLY C 110 16.19 10.70 19.98
CA GLY C 110 17.05 10.66 18.80
C GLY C 110 16.65 11.67 17.74
N LEU C 111 17.29 11.60 16.56
CA LEU C 111 16.80 12.40 15.44
C LEU C 111 15.41 11.95 15.02
N GLY C 112 15.15 10.64 15.09
CA GLY C 112 13.87 10.13 14.68
C GLY C 112 12.74 10.65 15.54
N LEU C 113 12.94 10.67 16.86
CA LEU C 113 11.90 11.20 17.73
C LEU C 113 11.67 12.69 17.47
N TYR C 114 12.71 13.41 17.03
CA TYR C 114 12.49 14.81 16.67
C TYR C 114 11.53 14.90 15.50
N LEU C 115 11.77 14.06 14.49
CA LEU C 115 10.95 14.09 13.29
C LEU C 115 9.48 13.79 13.61
N MET C 116 9.20 12.81 14.47
CA MET C 116 7.80 12.54 14.78
C MET C 116 7.10 13.75 15.39
N GLU C 117 7.79 14.48 16.24
CA GLU C 117 7.15 15.57 16.97
C GLU C 117 6.94 16.76 16.07
N THR C 118 7.92 17.05 15.22
CA THR C 118 7.79 18.20 14.34
C THR C 118 6.64 17.98 13.36
N LEU C 119 6.52 16.76 12.85
CA LEU C 119 5.57 16.42 11.80
C LEU C 119 4.18 16.09 12.31
N MET C 120 4.02 15.80 13.59
CA MET C 120 2.73 15.36 14.07
C MET C 120 2.21 16.38 15.06
N ASP C 121 0.91 16.25 15.34
CA ASP C 121 0.26 17.16 16.27
C ASP C 121 0.54 16.78 17.71
N GLU C 122 0.51 15.50 18.01
CA GLU C 122 0.72 15.00 19.35
C GLU C 122 1.60 13.76 19.30
N VAL C 123 2.53 13.64 20.24
CA VAL C 123 3.30 12.43 20.44
C VAL C 123 3.35 12.18 21.94
N ARG C 124 3.13 10.94 22.34
CA ARG C 124 3.17 10.54 23.72
C ARG C 124 3.97 9.24 23.78
N VAL C 125 5.04 9.23 24.58
CA VAL C 125 5.92 8.06 24.72
C VAL C 125 5.83 7.55 26.15
N GLN C 126 5.84 6.23 26.28
CA GLN C 126 5.74 5.52 27.54
C GLN C 126 6.47 4.20 27.41
N ASN C 127 7.25 3.88 28.41
CA ASN C 127 7.88 2.58 28.66
C ASN C 127 7.42 2.19 30.06
N HIS C 128 7.67 0.97 30.55
CA HIS C 128 8.46 -0.12 29.99
C HIS C 128 7.59 -1.26 29.50
N SER C 129 7.08 -1.07 28.29
CA SER C 129 6.40 -2.09 27.53
C SER C 129 7.14 -2.11 26.19
N GLY C 130 8.44 -2.47 26.27
CA GLY C 130 9.41 -2.21 25.21
C GLY C 130 9.42 -0.71 25.22
N VAL C 131 8.76 -0.10 24.22
CA VAL C 131 8.21 1.25 24.30
C VAL C 131 6.92 1.21 23.52
N THR C 132 5.99 2.08 23.87
CA THR C 132 4.81 2.30 23.04
C THR C 132 4.70 3.79 22.74
N VAL C 133 4.62 4.11 21.46
CA VAL C 133 4.53 5.49 21.00
C VAL C 133 3.13 5.73 20.49
N ALA C 134 2.50 6.79 20.97
CA ALA C 134 1.14 7.14 20.56
C ALA C 134 1.22 8.53 19.96
N MET C 135 0.94 8.62 18.67
CA MET C 135 1.03 9.88 17.94
C MET C 135 -0.30 10.19 17.29
N THR C 136 -0.56 11.46 17.07
CA THR C 136 -1.82 11.90 16.49
C THR C 136 -1.62 12.91 15.37
N LYS C 137 -2.44 12.81 14.32
CA LYS C 137 -2.49 13.90 13.37
C LYS C 137 -3.94 14.27 13.07
N TYR C 138 -4.20 15.59 13.01
CA TYR C 138 -5.53 16.14 12.81
C TYR C 138 -5.76 16.43 11.33
N LEU C 139 -6.99 16.17 10.89
CA LEU C 139 -7.39 16.53 9.55
C LEU C 139 -7.53 18.05 9.44
N ASN C 140 -7.11 18.61 8.31
CA ASN C 140 -7.16 20.06 8.06
C ASN C 140 -8.28 20.50 7.11
N ASN D 1 12.31 -0.96 -3.01
CA ASN D 1 13.68 -1.35 -2.67
C ASN D 1 14.60 -0.17 -3.05
N ILE D 2 15.90 -0.38 -3.26
CA ILE D 2 16.79 0.74 -3.55
C ILE D 2 17.84 0.32 -4.58
N ASN D 3 18.22 1.25 -5.46
CA ASN D 3 19.31 1.05 -6.41
C ASN D 3 20.34 2.16 -6.30
N VAL D 4 21.60 1.81 -6.52
CA VAL D 4 22.71 2.76 -6.46
C VAL D 4 23.60 2.56 -7.67
N ASP D 5 23.88 3.65 -8.39
CA ASP D 5 24.69 3.63 -9.61
C ASP D 5 25.91 4.52 -9.42
N VAL D 6 27.06 3.90 -9.21
CA VAL D 6 28.33 4.61 -9.12
C VAL D 6 29.02 4.57 -10.49
N LYS D 7 29.41 5.74 -10.98
CA LYS D 7 30.26 5.89 -12.16
C LYS D 7 31.33 6.92 -11.80
N GLN D 8 32.53 6.44 -11.44
CA GLN D 8 33.66 7.31 -11.08
C GLN D 8 34.46 7.63 -12.34
N ASN D 9 34.69 8.92 -12.57
CA ASN D 9 35.45 9.39 -13.73
C ASN D 9 36.15 10.69 -13.36
N GLU D 10 37.48 10.72 -13.50
CA GLU D 10 38.28 11.93 -13.30
C GLU D 10 38.34 12.33 -11.83
N ASN D 11 38.44 11.34 -10.93
CA ASN D 11 38.57 11.56 -9.50
C ASN D 11 37.34 12.27 -8.92
N ASP D 12 36.25 12.32 -9.68
CA ASP D 12 34.97 12.84 -9.24
C ASP D 12 33.86 11.87 -9.60
N ILE D 13 32.99 11.58 -8.64
CA ILE D 13 32.08 10.44 -8.69
C ILE D 13 30.66 10.97 -8.66
N GLN D 14 29.89 10.65 -9.70
CA GLN D 14 28.46 10.95 -9.72
C GLN D 14 27.74 9.69 -9.27
N VAL D 15 26.95 9.82 -8.20
CA VAL D 15 26.12 8.72 -7.70
C VAL D 15 24.67 9.14 -7.90
N ASN D 16 23.88 8.27 -8.49
CA ASN D 16 22.44 8.45 -8.51
C ASN D 16 21.81 7.42 -7.59
N ILE D 17 20.91 7.88 -6.73
CA ILE D 17 20.17 7.03 -5.83
C ILE D 17 18.72 7.07 -6.25
N ALA D 18 18.08 5.89 -6.23
CA ALA D 18 16.68 5.76 -6.58
C ALA D 18 16.00 4.82 -5.59
N GLY D 19 14.77 5.17 -5.23
CA GLY D 19 13.95 4.32 -4.39
C GLY D 19 13.76 4.81 -2.97
N GLU D 20 13.70 3.87 -2.03
CA GLU D 20 13.40 4.17 -0.64
C GLU D 20 14.64 3.99 0.21
N ILE D 21 14.96 5.02 0.99
CA ILE D 21 16.03 4.93 1.98
C ILE D 21 15.41 4.81 3.36
N ASP D 22 15.18 3.60 3.85
CA ASP D 22 14.65 3.41 5.18
C ASP D 22 15.55 2.44 5.94
N VAL D 23 15.15 2.12 7.17
CA VAL D 23 15.93 1.24 8.04
C VAL D 23 16.40 -0.02 7.33
N TYR D 24 15.66 -0.46 6.31
CA TYR D 24 15.99 -1.72 5.64
C TYR D 24 17.04 -1.53 4.57
N SER D 25 16.99 -0.42 3.86
CA SER D 25 17.85 -0.20 2.70
C SER D 25 19.00 0.73 3.02
N ALA D 26 19.11 1.21 4.24
CA ALA D 26 20.13 2.18 4.58
C ALA D 26 21.52 1.54 4.73
N PRO D 27 21.68 0.42 5.44
CA PRO D 27 23.01 -0.22 5.45
C PRO D 27 23.53 -0.56 4.07
N VAL D 28 22.65 -0.94 3.14
CA VAL D 28 23.06 -1.14 1.75
C VAL D 28 23.62 0.15 1.15
N LEU D 29 22.94 1.28 1.36
CA LEU D 29 23.45 2.55 0.84
C LEU D 29 24.73 2.97 1.54
N ARG D 30 24.72 2.94 2.88
CA ARG D 30 25.92 3.27 3.63
C ARG D 30 27.10 2.44 3.14
N GLU D 31 26.90 1.13 3.01
CA GLU D 31 28.00 0.26 2.63
C GLU D 31 28.55 0.61 1.25
N LYS D 32 27.66 0.77 0.27
CA LYS D 32 28.11 1.04 -1.10
C LYS D 32 28.84 2.37 -1.21
N LEU D 33 28.61 3.28 -0.26
CA LEU D 33 29.14 4.63 -0.33
C LEU D 33 29.90 5.07 0.91
N VAL D 34 30.10 4.20 1.90
CA VAL D 34 30.90 4.53 3.09
C VAL D 34 32.39 4.73 2.79
N PRO D 35 33.04 3.94 1.94
CA PRO D 35 34.49 4.14 1.75
C PRO D 35 34.85 5.39 0.94
N LEU D 36 34.00 5.79 -0.01
CA LEU D 36 34.33 6.92 -0.88
C LEU D 36 34.53 8.19 -0.07
N ALA D 37 33.93 8.27 1.11
CA ALA D 37 34.21 9.34 2.06
C ALA D 37 35.32 8.98 3.04
N GLU D 38 35.75 7.70 3.10
CA GLU D 38 36.89 7.34 3.93
C GLU D 38 38.23 7.65 3.24
N GLN D 39 38.28 7.55 1.91
CA GLN D 39 39.41 8.12 1.19
C GLN D 39 39.28 9.62 1.03
N GLY D 40 38.06 10.13 0.89
CA GLY D 40 37.86 11.50 0.48
C GLY D 40 38.08 11.60 -1.02
N ALA D 41 37.19 12.30 -1.71
CA ALA D 41 37.23 12.44 -3.16
C ALA D 41 36.21 13.52 -3.53
N ASP D 42 36.08 13.78 -4.82
CA ASP D 42 35.10 14.76 -5.32
C ASP D 42 33.79 14.00 -5.55
N LEU D 43 32.81 14.20 -4.66
CA LEU D 43 31.64 13.33 -4.61
C LEU D 43 30.37 14.10 -4.95
N ARG D 44 29.52 13.50 -5.77
CA ARG D 44 28.26 14.06 -6.22
C ARG D 44 27.17 13.02 -6.06
N ILE D 45 26.10 13.37 -5.35
CA ILE D 45 25.01 12.42 -5.09
C ILE D 45 23.71 13.01 -5.65
N CYS D 46 23.08 12.27 -6.56
CA CYS D 46 21.88 12.72 -7.24
C CYS D 46 20.70 12.03 -6.56
N LEU D 47 19.86 12.82 -5.89
CA LEU D 47 18.71 12.32 -5.14
C LEU D 47 17.43 12.53 -5.92
N LYS D 48 17.55 12.68 -7.24
CA LYS D 48 16.44 12.94 -8.14
C LYS D 48 15.32 11.94 -7.93
N ASP D 49 15.67 10.67 -7.75
CA ASP D 49 14.71 9.59 -7.81
C ASP D 49 14.42 8.96 -6.46
N VAL D 50 14.81 9.59 -5.37
CA VAL D 50 14.44 9.10 -4.05
C VAL D 50 12.98 9.46 -3.77
N SER D 51 12.17 8.44 -3.51
CA SER D 51 10.73 8.57 -3.26
C SER D 51 10.37 8.57 -1.79
N TYR D 52 11.30 8.20 -0.90
CA TYR D 52 11.03 8.18 0.52
C TYR D 52 12.35 8.26 1.25
N MET D 53 12.38 9.00 2.36
CA MET D 53 13.52 9.02 3.27
C MET D 53 13.05 9.45 4.65
N ASP D 54 13.72 8.92 5.69
CA ASP D 54 13.49 9.25 7.09
C ASP D 54 14.86 9.53 7.74
N SER D 55 14.90 9.65 9.06
CA SER D 55 16.15 9.91 9.78
C SER D 55 17.23 8.85 9.58
N THR D 56 16.89 7.65 9.10
CA THR D 56 17.96 6.67 8.85
C THR D 56 18.81 7.08 7.64
N GLY D 57 18.17 7.60 6.59
CA GLY D 57 18.94 8.12 5.47
C GLY D 57 19.67 9.40 5.82
N LEU D 58 19.02 10.29 6.56
CA LEU D 58 19.70 11.50 7.04
C LEU D 58 20.95 11.14 7.84
N GLY D 59 20.87 10.08 8.64
CA GLY D 59 22.02 9.71 9.46
C GLY D 59 23.23 9.30 8.65
N VAL D 60 23.01 8.56 7.55
CA VAL D 60 24.16 8.14 6.74
C VAL D 60 24.69 9.32 5.93
N PHE D 61 23.81 10.20 5.44
CA PHE D 61 24.27 11.37 4.70
C PHE D 61 25.15 12.28 5.55
N VAL D 62 24.79 12.51 6.81
CA VAL D 62 25.72 13.21 7.70
C VAL D 62 26.93 12.35 8.03
N GLY D 63 26.82 11.03 7.88
CA GLY D 63 27.96 10.17 8.11
C GLY D 63 28.96 10.26 6.97
N THR D 64 28.46 10.29 5.73
CA THR D 64 29.37 10.44 4.60
C THR D 64 30.00 11.83 4.60
N PHE D 65 29.22 12.84 4.95
CA PHE D 65 29.76 14.20 4.97
C PHE D 65 30.93 14.31 5.94
N LYS D 66 30.78 13.74 7.15
CA LYS D 66 31.83 13.86 8.16
C LYS D 66 33.15 13.25 7.68
N MET D 67 33.09 12.13 6.97
CA MET D 67 34.33 11.48 6.56
C MET D 67 34.97 12.22 5.39
N VAL D 68 34.17 12.66 4.40
CA VAL D 68 34.70 13.50 3.34
C VAL D 68 35.47 14.67 3.94
N LYS D 69 35.01 15.18 5.09
CA LYS D 69 35.69 16.25 5.81
C LYS D 69 36.82 15.74 6.71
N LYS D 70 36.84 14.46 7.09
CA LYS D 70 37.93 13.90 7.92
C LYS D 70 38.55 12.66 7.25
N GLN D 71 39.29 12.87 6.14
CA GLN D 71 39.45 14.16 5.46
C GLN D 71 39.52 14.12 3.92
N GLY D 72 39.69 15.31 3.34
CA GLY D 72 40.06 15.57 1.96
C GLY D 72 39.11 15.23 0.83
N GLY D 73 37.92 15.83 0.81
CA GLY D 73 36.99 15.60 -0.28
C GLY D 73 35.97 16.70 -0.44
N SER D 74 35.11 16.52 -1.44
CA SER D 74 33.97 17.39 -1.67
C SER D 74 32.70 16.55 -1.75
N LEU D 75 31.57 17.15 -1.37
CA LEU D 75 30.29 16.44 -1.39
C LEU D 75 29.15 17.38 -1.76
N LYS D 76 28.44 17.06 -2.85
CA LYS D 76 27.21 17.76 -3.23
C LYS D 76 26.09 16.76 -3.45
N LEU D 77 24.92 17.11 -2.93
CA LEU D 77 23.70 16.34 -3.09
C LEU D 77 22.76 17.20 -3.91
N GLU D 78 22.27 16.68 -5.04
CA GLU D 78 21.57 17.56 -5.96
C GLU D 78 20.29 16.92 -6.49
N ASN D 79 19.41 17.82 -6.96
CA ASN D 79 18.11 17.50 -7.57
C ASN D 79 17.12 16.94 -6.54
N LEU D 80 17.01 17.64 -5.40
CA LEU D 80 16.24 17.18 -4.26
C LEU D 80 14.81 17.65 -4.39
N SER D 81 13.89 16.83 -3.88
CA SER D 81 12.48 17.19 -3.76
C SER D 81 12.33 18.52 -3.04
N GLU D 82 11.19 19.18 -3.24
CA GLU D 82 10.89 20.31 -2.39
C GLU D 82 10.84 19.86 -0.94
N ARG D 83 10.30 18.66 -0.70
CA ARG D 83 10.20 18.10 0.64
C ARG D 83 11.46 17.39 1.12
N LEU D 84 12.26 16.76 0.25
CA LEU D 84 13.55 16.25 0.73
C LEU D 84 14.39 17.41 1.25
N ILE D 85 14.33 18.55 0.58
CA ILE D 85 14.99 19.73 1.10
C ILE D 85 14.32 20.18 2.38
N ARG D 86 12.99 20.11 2.44
CA ARG D 86 12.29 20.43 3.68
C ARG D 86 12.86 19.60 4.82
N LEU D 87 13.11 18.32 4.55
CA LEU D 87 13.53 17.38 5.56
C LEU D 87 14.91 17.74 6.09
N PHE D 88 15.84 18.06 5.18
CA PHE D 88 17.19 18.45 5.61
C PHE D 88 17.15 19.74 6.39
N ASP D 89 16.20 20.62 6.07
CA ASP D 89 16.03 21.84 6.81
C ASP D 89 15.59 21.56 8.23
N ILE D 90 14.44 20.90 8.36
CA ILE D 90 13.77 20.55 9.61
C ILE D 90 14.73 19.91 10.62
N THR D 91 15.82 19.31 10.13
CA THR D 91 16.73 18.56 11.00
C THR D 91 18.03 19.30 11.29
N GLY D 92 18.15 20.56 10.92
CA GLY D 92 19.35 21.30 11.25
C GLY D 92 20.56 20.92 10.42
N LEU D 93 20.35 20.38 9.22
CA LEU D 93 21.42 19.90 8.36
C LEU D 93 21.50 20.64 7.03
N LYS D 94 20.65 21.63 6.80
CA LYS D 94 20.60 22.24 5.47
C LYS D 94 21.82 23.13 5.24
N ASP D 95 22.23 23.88 6.28
CA ASP D 95 23.30 24.87 6.20
C ASP D 95 24.67 24.28 6.50
N ILE D 96 24.76 22.96 6.71
CA ILE D 96 26.04 22.29 6.89
C ILE D 96 26.31 21.23 5.83
N ILE D 97 25.38 21.01 4.89
CA ILE D 97 25.61 20.12 3.74
C ILE D 97 25.18 20.80 2.45
N ASP D 98 25.99 20.64 1.39
CA ASP D 98 25.68 21.23 0.10
C ASP D 98 24.49 20.53 -0.54
N ILE D 99 23.45 21.30 -0.83
CA ILE D 99 22.18 20.78 -1.34
C ILE D 99 21.86 21.49 -2.66
N SER D 100 21.28 20.75 -3.61
CA SER D 100 20.80 21.33 -4.86
C SER D 100 19.56 20.58 -5.34
#